data_2M92
#
_entry.id   2M92
#
_entity_poly.entity_id   1
_entity_poly.type   'polydeoxyribonucleotide'
_entity_poly.pdbx_seq_one_letter_code
;(DA)(DG)(DG)(DG)(DT)(DG)(DG)(DG)(DT)(DG)(DC)(DT)(DG)(DG)(DG)(DG)(DC)(DG)(DC)(DG)
(DA)(DA)(DG)(DC)(DA)(DT)(DT)(DC)(DG)(DC)(DG)(DA)(DG)(DG)
;
_entity_poly.pdbx_strand_id   A
#